data_8ZM2
#
_entry.id   8ZM2
#
_cell.length_a   108.886
_cell.length_b   108.886
_cell.length_c   84.421
_cell.angle_alpha   90.000
_cell.angle_beta   90.000
_cell.angle_gamma   120.000
#
_symmetry.space_group_name_H-M   'P 64'
#
loop_
_entity.id
_entity.type
_entity.pdbx_description
1 polymer '[Pyruvate dehydrogenase (acetyl-transferring)] kinase isozyme 2, mitochondrial'
2 non-polymer 'methyl (9~{R})-9-oxidanyl-9-(trifluoromethyl)fluorene-4-carboxylate'
3 water water
#
_entity_poly.entity_id   1
_entity_poly.type   'polypeptide(L)'
_entity_poly.pdbx_seq_one_letter_code
;GSAPKYIEHFSKFSPSPLSMKQFLDFGSSNACEKTSFTFLRQELPVRLANIMKEINLLPDRVLSTPSVQLVQSWYVQSLL
DIMEFLDKDPEDHRTLSQFTDALVTIRNRHNDVVPTMAQGVLEYKDTYGDDPVSNQNIQYFLDRFYLSRISIRMLINQHT
LIFDGSTNPAHPKHIGSIDPNCNVSEVVKDAYDMAKLLCDKYYMASPDLEIQEINAANSKQPIHMVYVPSHLYHMLFELF
KNAMRATVESHESSLILPPIKVMVALGEEDLSIKMSDRGGGVPLRKIERLFSYMYSTAPTPQPGTGGTPLAGFGYGLPIS
RLYAKYFQGDLQLFSMEGFGTDAVIYLKALSTDSVERLPVYNKSAWRHYQTIQEAGDWCVPSTEPKNTSTYRVS
;
_entity_poly.pdbx_strand_id   A
#
# COMPACT_ATOMS: atom_id res chain seq x y z
N GLY A 1 12.95 21.86 -22.49
CA GLY A 1 11.78 21.00 -22.47
C GLY A 1 10.55 21.69 -21.92
N SER A 2 9.47 20.92 -21.75
CA SER A 2 8.22 21.46 -21.23
C SER A 2 7.67 20.62 -20.09
N ALA A 3 8.56 19.97 -19.32
CA ALA A 3 8.10 19.22 -18.17
C ALA A 3 7.53 20.12 -17.08
N PRO A 4 8.15 21.26 -16.72
CA PRO A 4 7.51 22.14 -15.74
C PRO A 4 6.15 22.65 -16.19
N LYS A 5 5.98 22.89 -17.49
CA LYS A 5 4.68 23.35 -17.99
C LYS A 5 3.59 22.32 -17.76
N TYR A 6 3.87 21.05 -18.05
CA TYR A 6 2.89 20.00 -17.81
C TYR A 6 2.55 19.88 -16.33
N ILE A 7 3.56 19.95 -15.47
CA ILE A 7 3.32 19.83 -14.03
C ILE A 7 2.41 20.95 -13.54
N GLU A 8 2.70 22.19 -13.95
CA GLU A 8 1.92 23.33 -13.50
C GLU A 8 0.48 23.23 -13.96
N HIS A 9 0.26 22.74 -15.18
CA HIS A 9 -1.10 22.64 -15.71
C HIS A 9 -1.92 21.60 -14.95
N PHE A 10 -1.43 20.36 -14.91
CA PHE A 10 -2.22 19.27 -14.34
C PHE A 10 -2.28 19.32 -12.82
N SER A 11 -1.36 20.02 -12.16
CA SER A 11 -1.43 20.14 -10.70
C SER A 11 -2.60 21.03 -10.27
N LYS A 12 -3.17 21.82 -11.17
CA LYS A 12 -4.34 22.60 -10.83
C LYS A 12 -5.57 21.71 -10.70
N PHE A 13 -5.59 20.57 -11.39
CA PHE A 13 -6.67 19.61 -11.25
C PHE A 13 -6.50 18.81 -9.97
N SER A 14 -7.61 18.38 -9.42
CA SER A 14 -7.50 17.50 -8.28
C SER A 14 -7.71 16.05 -8.71
N PRO A 15 -7.03 15.10 -8.07
CA PRO A 15 -7.28 13.70 -8.37
C PRO A 15 -8.72 13.32 -8.04
N SER A 16 -9.28 12.41 -8.84
CA SER A 16 -10.65 11.97 -8.65
C SER A 16 -10.66 10.63 -7.90
N PRO A 17 -11.00 10.60 -6.62
CA PRO A 17 -11.00 9.34 -5.89
C PRO A 17 -12.12 8.42 -6.36
N LEU A 18 -11.77 7.18 -6.65
CA LEU A 18 -12.73 6.17 -7.10
C LEU A 18 -13.01 5.19 -5.97
N SER A 19 -14.25 4.74 -5.86
CA SER A 19 -14.63 3.75 -4.87
C SER A 19 -14.36 2.35 -5.39
N MET A 20 -14.37 1.38 -4.47
CA MET A 20 -14.19 -0.01 -4.86
C MET A 20 -15.34 -0.48 -5.74
N LYS A 21 -16.56 0.01 -5.47
CA LYS A 21 -17.69 -0.36 -6.31
C LYS A 21 -17.55 0.20 -7.72
N GLN A 22 -16.99 1.42 -7.84
CA GLN A 22 -16.73 1.98 -9.16
C GLN A 22 -15.72 1.13 -9.93
N PHE A 23 -14.61 0.78 -9.27
CA PHE A 23 -13.64 -0.12 -9.91
C PHE A 23 -14.30 -1.41 -10.37
N LEU A 24 -15.19 -1.97 -9.54
CA LEU A 24 -15.84 -3.23 -9.88
C LEU A 24 -16.81 -3.05 -11.03
N ASP A 25 -17.60 -1.97 -11.00
CA ASP A 25 -18.56 -1.74 -12.08
C ASP A 25 -17.87 -1.31 -13.36
N PHE A 26 -16.76 -0.58 -13.26
CA PHE A 26 -16.04 -0.16 -14.46
C PHE A 26 -15.38 -1.35 -15.15
N GLY A 27 -14.81 -2.26 -14.37
CA GLY A 27 -14.02 -3.35 -14.91
C GLY A 27 -14.75 -4.64 -15.19
N SER A 28 -16.06 -4.68 -14.97
CA SER A 28 -16.81 -5.92 -15.18
C SER A 28 -17.28 -6.05 -16.63
N SER A 29 -18.57 -6.33 -16.83
CA SER A 29 -19.08 -6.58 -18.17
C SER A 29 -19.08 -5.30 -19.01
N ASN A 30 -19.37 -4.16 -18.39
CA ASN A 30 -19.41 -2.89 -19.10
C ASN A 30 -18.03 -2.30 -19.35
N ALA A 31 -16.96 -3.08 -19.15
CA ALA A 31 -15.62 -2.57 -19.32
C ALA A 31 -15.36 -2.22 -20.78
N CYS A 32 -14.75 -1.05 -21.00
CA CYS A 32 -14.43 -0.57 -22.34
C CYS A 32 -13.02 0.00 -22.31
N GLU A 33 -12.12 -0.58 -23.12
CA GLU A 33 -10.74 -0.09 -23.15
C GLU A 33 -10.67 1.34 -23.65
N LYS A 34 -11.60 1.74 -24.53
CA LYS A 34 -11.65 3.12 -24.98
C LYS A 34 -11.96 4.07 -23.83
N THR A 35 -12.98 3.73 -23.03
CA THR A 35 -13.36 4.60 -21.93
C THR A 35 -12.25 4.69 -20.88
N SER A 36 -11.62 3.55 -20.56
CA SER A 36 -10.54 3.56 -19.58
C SER A 36 -9.36 4.38 -20.08
N PHE A 37 -9.06 4.30 -21.37
CA PHE A 37 -7.97 5.09 -21.92
C PHE A 37 -8.28 6.58 -21.85
N THR A 38 -9.52 6.97 -22.18
CA THR A 38 -9.89 8.38 -22.13
C THR A 38 -9.76 8.93 -20.71
N PHE A 39 -10.14 8.13 -19.71
CA PHE A 39 -10.03 8.58 -18.33
C PHE A 39 -8.58 8.60 -17.86
N LEU A 40 -7.82 7.56 -18.18
CA LEU A 40 -6.48 7.40 -17.60
C LEU A 40 -5.49 8.41 -18.19
N ARG A 41 -5.62 8.72 -19.47
CA ARG A 41 -4.68 9.68 -20.07
C ARG A 41 -4.84 11.08 -19.49
N GLN A 42 -5.91 11.34 -18.74
CA GLN A 42 -6.09 12.60 -18.02
C GLN A 42 -5.85 12.44 -16.53
N GLU A 43 -6.30 11.35 -15.92
CA GLU A 43 -6.18 11.19 -14.47
C GLU A 43 -4.75 10.87 -14.05
N LEU A 44 -4.04 10.06 -14.84
CA LEU A 44 -2.65 9.75 -14.51
C LEU A 44 -1.75 10.99 -14.51
N PRO A 45 -1.82 11.90 -15.50
CA PRO A 45 -1.01 13.12 -15.38
C PRO A 45 -1.39 13.98 -14.19
N VAL A 46 -2.69 14.03 -13.84
CA VAL A 46 -3.10 14.83 -12.68
C VAL A 46 -2.50 14.28 -11.40
N ARG A 47 -2.52 12.95 -11.22
CA ARG A 47 -1.96 12.38 -10.01
C ARG A 47 -0.44 12.47 -10.01
N LEU A 48 0.19 12.25 -11.17
CA LEU A 48 1.64 12.42 -11.28
C LEU A 48 2.05 13.85 -10.94
N ALA A 49 1.39 14.83 -11.56
CA ALA A 49 1.81 16.23 -11.39
C ALA A 49 1.58 16.73 -9.97
N ASN A 50 0.54 16.24 -9.30
CA ASN A 50 0.26 16.70 -7.94
C ASN A 50 1.38 16.31 -6.99
N ILE A 51 1.84 15.06 -7.05
CA ILE A 51 2.94 14.66 -6.18
C ILE A 51 4.27 15.26 -6.67
N MET A 52 4.41 15.45 -7.98
CA MET A 52 5.63 16.07 -8.50
C MET A 52 5.74 17.53 -8.07
N LYS A 53 4.61 18.22 -7.92
CA LYS A 53 4.67 19.59 -7.43
C LYS A 53 4.97 19.64 -5.94
N GLU A 54 4.52 18.65 -5.18
CA GLU A 54 4.89 18.57 -3.78
C GLU A 54 6.38 18.27 -3.62
N ILE A 55 6.93 17.44 -4.52
CA ILE A 55 8.36 17.15 -4.49
C ILE A 55 9.16 18.43 -4.74
N ASN A 56 8.68 19.27 -5.67
CA ASN A 56 9.37 20.52 -5.94
C ASN A 56 9.32 21.48 -4.76
N LEU A 57 8.29 21.36 -3.91
CA LEU A 57 8.18 22.21 -2.73
C LEU A 57 9.08 21.75 -1.58
N LEU A 58 9.74 20.60 -1.71
CA LEU A 58 10.70 20.19 -0.71
C LEU A 58 11.87 21.17 -0.69
N PRO A 59 12.52 21.35 0.46
CA PRO A 59 13.70 22.22 0.51
C PRO A 59 14.79 21.71 -0.41
N ASP A 60 15.57 22.65 -0.95
CA ASP A 60 16.64 22.29 -1.87
C ASP A 60 17.68 21.38 -1.22
N ARG A 61 17.76 21.40 0.12
CA ARG A 61 18.64 20.46 0.81
C ARG A 61 18.23 19.02 0.57
N VAL A 62 16.94 18.78 0.33
CA VAL A 62 16.43 17.46 0.00
C VAL A 62 16.21 17.31 -1.49
N LEU A 63 15.78 18.39 -2.15
CA LEU A 63 15.48 18.31 -3.58
C LEU A 63 16.72 18.06 -4.42
N SER A 64 17.88 18.54 -3.99
CA SER A 64 19.13 18.38 -4.74
C SER A 64 19.88 17.12 -4.37
N THR A 65 19.36 16.30 -3.46
CA THR A 65 19.99 15.03 -3.14
C THR A 65 19.81 14.06 -4.31
N PRO A 66 20.75 13.13 -4.49
CA PRO A 66 20.64 12.20 -5.62
C PRO A 66 19.42 11.29 -5.57
N SER A 67 18.93 10.96 -4.37
CA SER A 67 17.78 10.06 -4.27
C SER A 67 16.51 10.75 -4.77
N VAL A 68 16.24 11.95 -4.29
CA VAL A 68 15.05 12.68 -4.74
C VAL A 68 15.15 13.02 -6.22
N GLN A 69 16.35 13.41 -6.68
CA GLN A 69 16.53 13.75 -8.09
C GLN A 69 16.31 12.54 -8.99
N LEU A 70 16.81 11.37 -8.57
CA LEU A 70 16.61 10.16 -9.36
C LEU A 70 15.13 9.81 -9.47
N VAL A 71 14.40 9.91 -8.35
CA VAL A 71 12.98 9.60 -8.38
C VAL A 71 12.21 10.64 -9.18
N GLN A 72 12.58 11.91 -9.02
CA GLN A 72 11.91 12.97 -9.77
C GLN A 72 12.11 12.80 -11.27
N SER A 73 13.26 12.27 -11.70
CA SER A 73 13.46 12.02 -13.12
C SER A 73 12.59 10.86 -13.61
N TRP A 74 12.32 9.88 -12.75
CA TRP A 74 11.40 8.81 -13.11
C TRP A 74 10.00 9.37 -13.37
N TYR A 75 9.54 10.29 -12.52
CA TYR A 75 8.20 10.83 -12.66
C TYR A 75 8.10 11.76 -13.86
N VAL A 76 9.17 12.52 -14.14
CA VAL A 76 9.17 13.37 -15.32
C VAL A 76 9.03 12.52 -16.58
N GLN A 77 9.85 11.47 -16.68
CA GLN A 77 9.79 10.60 -17.86
C GLN A 77 8.43 9.89 -17.95
N SER A 78 7.92 9.41 -16.82
CA SER A 78 6.61 8.76 -16.83
C SER A 78 5.52 9.73 -17.24
N LEU A 79 5.60 10.98 -16.77
CA LEU A 79 4.63 11.99 -17.18
C LEU A 79 4.70 12.24 -18.68
N LEU A 80 5.92 12.35 -19.22
CA LEU A 80 6.07 12.63 -20.65
C LEU A 80 5.57 11.47 -21.52
N ASP A 81 5.70 10.23 -21.03
CA ASP A 81 5.18 9.09 -21.77
C ASP A 81 3.66 9.19 -21.93
N ILE A 82 2.96 9.62 -20.88
CA ILE A 82 1.51 9.74 -20.96
C ILE A 82 1.10 10.92 -21.83
N MET A 83 1.95 11.95 -21.92
CA MET A 83 1.61 13.14 -22.69
C MET A 83 1.41 12.82 -24.18
N GLU A 84 2.13 11.82 -24.69
CA GLU A 84 2.07 11.53 -26.12
C GLU A 84 0.75 10.90 -26.55
N PHE A 85 -0.13 10.56 -25.61
CA PHE A 85 -1.41 9.93 -25.93
C PHE A 85 -2.58 10.89 -25.84
N LEU A 86 -2.33 12.19 -25.62
CA LEU A 86 -3.41 13.14 -25.51
C LEU A 86 -4.07 13.39 -26.87
N ASP A 87 -3.27 13.71 -27.88
CA ASP A 87 -3.79 13.97 -29.22
C ASP A 87 -4.15 12.70 -29.97
N LYS A 88 -3.79 11.52 -29.45
CA LYS A 88 -4.07 10.28 -30.15
C LYS A 88 -5.56 9.97 -30.13
N ASP A 89 -6.00 9.22 -31.13
CA ASP A 89 -7.42 8.92 -31.27
C ASP A 89 -7.75 7.61 -30.56
N PRO A 90 -8.76 7.60 -29.69
CA PRO A 90 -9.10 6.34 -28.99
C PRO A 90 -9.71 5.29 -29.89
N GLU A 91 -10.17 5.65 -31.09
CA GLU A 91 -10.79 4.68 -31.98
C GLU A 91 -9.78 3.79 -32.70
N ASP A 92 -8.48 4.08 -32.58
CA ASP A 92 -7.45 3.26 -33.20
C ASP A 92 -7.02 2.18 -32.23
N HIS A 93 -7.14 0.91 -32.65
CA HIS A 93 -6.75 -0.20 -31.78
C HIS A 93 -5.26 -0.20 -31.48
N ARG A 94 -4.44 0.34 -32.39
CA ARG A 94 -3.02 0.44 -32.11
C ARG A 94 -2.73 1.52 -31.09
N THR A 95 -3.58 2.54 -31.00
CA THR A 95 -3.42 3.56 -29.96
C THR A 95 -3.62 2.96 -28.58
N LEU A 96 -4.64 2.14 -28.40
CA LEU A 96 -4.88 1.50 -27.11
C LEU A 96 -3.81 0.46 -26.80
N SER A 97 -3.31 -0.23 -27.82
CA SER A 97 -2.28 -1.25 -27.59
C SER A 97 -0.96 -0.61 -27.14
N GLN A 98 -0.58 0.52 -27.74
CA GLN A 98 0.63 1.21 -27.33
C GLN A 98 0.48 1.84 -25.95
N PHE A 99 -0.75 2.23 -25.59
CA PHE A 99 -0.97 2.82 -24.27
C PHE A 99 -0.76 1.80 -23.16
N THR A 100 -1.21 0.56 -23.38
CA THR A 100 -1.03 -0.48 -22.37
C THR A 100 0.45 -0.82 -22.20
N ASP A 101 1.19 -0.94 -23.30
CA ASP A 101 2.62 -1.21 -23.20
C ASP A 101 3.36 -0.06 -22.54
N ALA A 102 2.87 1.18 -22.72
CA ALA A 102 3.48 2.31 -22.05
C ALA A 102 3.25 2.27 -20.55
N LEU A 103 2.10 1.78 -20.11
CA LEU A 103 1.84 1.67 -18.68
C LEU A 103 2.72 0.62 -18.03
N VAL A 104 2.98 -0.49 -18.73
CA VAL A 104 3.85 -1.53 -18.19
C VAL A 104 5.26 -0.99 -18.02
N THR A 105 5.75 -0.23 -19.00
CA THR A 105 7.08 0.35 -18.89
C THR A 105 7.17 1.32 -17.72
N ILE A 106 6.11 2.10 -17.49
CA ILE A 106 6.11 3.04 -16.37
C ILE A 106 6.09 2.29 -15.04
N ARG A 107 5.31 1.20 -14.97
CA ARG A 107 5.22 0.44 -13.71
C ARG A 107 6.56 -0.18 -13.35
N ASN A 108 7.26 -0.75 -14.33
CA ASN A 108 8.56 -1.36 -14.07
C ASN A 108 9.65 -0.32 -13.82
N ARG A 109 9.47 0.90 -14.33
CA ARG A 109 10.46 1.95 -14.11
C ARG A 109 10.50 2.38 -12.65
N HIS A 110 9.34 2.46 -12.00
CA HIS A 110 9.25 2.86 -10.60
C HIS A 110 9.28 1.67 -9.66
N ASN A 111 9.77 0.52 -10.11
CA ASN A 111 9.68 -0.70 -9.30
C ASN A 111 10.64 -0.69 -8.12
N ASP A 112 11.72 0.10 -8.19
CA ASP A 112 12.73 0.09 -7.14
C ASP A 112 12.74 1.41 -6.37
N VAL A 113 11.58 1.84 -5.89
CA VAL A 113 11.48 3.13 -5.21
C VAL A 113 11.55 3.01 -3.69
N VAL A 114 11.23 1.86 -3.12
CA VAL A 114 11.23 1.68 -1.66
C VAL A 114 12.67 1.67 -1.14
N PRO A 115 13.59 0.89 -1.71
CA PRO A 115 14.98 1.00 -1.24
C PRO A 115 15.62 2.33 -1.58
N THR A 116 15.17 3.00 -2.64
CA THR A 116 15.74 4.30 -3.01
C THR A 116 15.39 5.36 -1.98
N MET A 117 14.12 5.43 -1.57
CA MET A 117 13.73 6.37 -0.52
C MET A 117 14.30 5.96 0.83
N ALA A 118 14.53 4.66 1.05
CA ALA A 118 15.20 4.23 2.26
C ALA A 118 16.63 4.76 2.31
N GLN A 119 17.32 4.74 1.16
CA GLN A 119 18.64 5.35 1.08
C GLN A 119 18.56 6.85 1.32
N GLY A 120 17.52 7.50 0.79
CA GLY A 120 17.37 8.94 1.00
C GLY A 120 17.12 9.30 2.46
N VAL A 121 16.34 8.48 3.16
CA VAL A 121 16.08 8.74 4.58
C VAL A 121 17.37 8.59 5.38
N LEU A 122 18.16 7.55 5.09
CA LEU A 122 19.42 7.36 5.79
C LEU A 122 20.40 8.50 5.49
N GLU A 123 20.38 9.01 4.25
CA GLU A 123 21.24 10.14 3.92
C GLU A 123 20.85 11.38 4.71
N TYR A 124 19.55 11.58 4.93
CA TYR A 124 19.11 12.76 5.67
C TYR A 124 19.49 12.65 7.14
N LYS A 125 19.39 11.46 7.72
CA LYS A 125 19.75 11.29 9.12
C LYS A 125 21.23 11.55 9.35
N ASP A 126 22.08 11.11 8.43
CA ASP A 126 23.51 11.29 8.56
C ASP A 126 23.99 12.69 8.15
N THR A 127 23.13 13.47 7.48
CA THR A 127 23.50 14.82 7.05
C THR A 127 23.00 15.89 8.01
N TYR A 128 21.73 15.81 8.41
CA TYR A 128 21.13 16.84 9.25
C TYR A 128 20.62 16.33 10.59
N GLY A 129 20.82 15.05 10.89
CA GLY A 129 20.40 14.49 12.17
C GLY A 129 18.96 14.01 12.16
N ASP A 130 18.57 13.40 13.28
CA ASP A 130 17.23 12.85 13.41
C ASP A 130 16.43 13.59 14.49
N ASP A 131 16.20 14.88 14.28
CA ASP A 131 15.39 15.66 15.20
C ASP A 131 13.90 15.36 14.98
N PRO A 132 13.08 15.53 16.02
CA PRO A 132 11.65 15.22 15.87
C PRO A 132 10.95 16.08 14.82
N VAL A 133 11.44 17.30 14.57
CA VAL A 133 10.83 18.12 13.53
C VAL A 133 11.11 17.54 12.16
N SER A 134 12.30 16.96 11.96
CA SER A 134 12.62 16.34 10.68
C SER A 134 11.81 15.07 10.47
N ASN A 135 11.57 14.31 11.55
CA ASN A 135 10.79 13.08 11.44
C ASN A 135 9.38 13.36 10.97
N GLN A 136 8.74 14.39 11.52
CA GLN A 136 7.37 14.71 11.13
C GLN A 136 7.31 15.18 9.68
N ASN A 137 8.32 15.92 9.23
CA ASN A 137 8.35 16.35 7.83
C ASN A 137 8.58 15.16 6.90
N ILE A 138 9.51 14.27 7.26
CA ILE A 138 9.77 13.09 6.44
C ILE A 138 8.55 12.16 6.45
N GLN A 139 7.97 11.94 7.62
CA GLN A 139 6.79 11.08 7.72
C GLN A 139 5.64 11.64 6.88
N TYR A 140 5.40 12.95 6.99
CA TYR A 140 4.30 13.57 6.26
C TYR A 140 4.48 13.42 4.75
N PHE A 141 5.69 13.63 4.25
CA PHE A 141 5.92 13.55 2.82
C PHE A 141 5.88 12.11 2.31
N LEU A 142 6.58 11.21 3.01
CA LEU A 142 6.68 9.83 2.54
C LEU A 142 5.32 9.14 2.55
N ASP A 143 4.49 9.40 3.57
CA ASP A 143 3.14 8.85 3.60
C ASP A 143 2.36 9.27 2.37
N ARG A 144 2.37 10.57 2.06
CA ARG A 144 1.62 11.06 0.90
C ARG A 144 2.24 10.57 -0.40
N PHE A 145 3.58 10.51 -0.46
CA PHE A 145 4.24 10.05 -1.67
C PHE A 145 3.91 8.58 -1.95
N TYR A 146 4.01 7.74 -0.92
CA TYR A 146 3.76 6.31 -1.13
C TYR A 146 2.28 6.04 -1.39
N LEU A 147 1.39 6.75 -0.67
CA LEU A 147 -0.04 6.59 -0.92
C LEU A 147 -0.39 7.02 -2.35
N SER A 148 0.21 8.12 -2.82
CA SER A 148 0.04 8.51 -4.21
C SER A 148 0.52 7.41 -5.15
N ARG A 149 1.66 6.79 -4.83
CA ARG A 149 2.20 5.73 -5.69
C ARG A 149 1.29 4.52 -5.70
N ILE A 150 0.72 4.16 -4.54
CA ILE A 150 -0.21 3.04 -4.48
C ILE A 150 -1.41 3.30 -5.38
N SER A 151 -1.94 4.52 -5.36
CA SER A 151 -3.13 4.83 -6.15
C SER A 151 -2.83 4.80 -7.64
N ILE A 152 -1.64 5.25 -8.05
CA ILE A 152 -1.28 5.21 -9.46
C ILE A 152 -1.10 3.77 -9.91
N ARG A 153 -0.39 2.96 -9.12
CA ARG A 153 -0.21 1.56 -9.47
C ARG A 153 -1.55 0.82 -9.51
N MET A 154 -2.50 1.20 -8.64
CA MET A 154 -3.80 0.58 -8.67
C MET A 154 -4.51 0.83 -10.00
N LEU A 155 -4.49 2.08 -10.47
CA LEU A 155 -5.10 2.40 -11.76
C LEU A 155 -4.43 1.62 -12.89
N ILE A 156 -3.09 1.57 -12.89
CA ILE A 156 -2.38 0.89 -13.95
C ILE A 156 -2.65 -0.61 -13.91
N ASN A 157 -2.69 -1.19 -12.72
CA ASN A 157 -2.93 -2.64 -12.61
C ASN A 157 -4.33 -3.00 -13.09
N GLN A 158 -5.32 -2.13 -12.83
CA GLN A 158 -6.69 -2.43 -13.26
C GLN A 158 -6.79 -2.41 -14.78
N HIS A 159 -6.08 -1.48 -15.43
CA HIS A 159 -6.16 -1.38 -16.89
C HIS A 159 -5.42 -2.53 -17.57
N THR A 160 -4.17 -2.79 -17.14
CA THR A 160 -3.35 -3.77 -17.83
C THR A 160 -3.84 -5.20 -17.59
N LEU A 161 -4.40 -5.47 -16.41
CA LEU A 161 -4.87 -6.83 -16.11
C LEU A 161 -6.17 -7.16 -16.82
N ILE A 162 -7.05 -6.18 -17.00
CA ILE A 162 -8.37 -6.46 -17.57
C ILE A 162 -8.32 -6.45 -19.09
N PHE A 163 -7.57 -5.53 -19.68
CA PHE A 163 -7.46 -5.41 -21.13
C PHE A 163 -6.17 -6.08 -21.58
N ASP A 164 -6.25 -7.39 -21.81
CA ASP A 164 -5.09 -8.16 -22.24
C ASP A 164 -5.43 -9.11 -23.39
N HIS A 171 -15.14 -14.07 -19.17
CA HIS A 171 -15.72 -13.58 -17.93
C HIS A 171 -15.03 -14.20 -16.71
N PRO A 172 -13.96 -13.57 -16.26
CA PRO A 172 -13.25 -14.07 -15.08
C PRO A 172 -13.96 -13.66 -13.80
N LYS A 173 -13.60 -14.35 -12.71
CA LYS A 173 -14.17 -14.02 -11.40
C LYS A 173 -13.47 -12.83 -10.76
N HIS A 174 -12.19 -12.63 -11.05
CA HIS A 174 -11.45 -11.48 -10.53
C HIS A 174 -11.54 -10.32 -11.51
N ILE A 175 -11.76 -9.13 -10.96
CA ILE A 175 -11.85 -7.91 -11.77
C ILE A 175 -10.51 -7.19 -11.59
N GLY A 176 -9.55 -7.55 -12.44
CA GLY A 176 -8.22 -7.01 -12.32
C GLY A 176 -7.50 -7.53 -11.09
N SER A 177 -7.18 -6.63 -10.17
CA SER A 177 -6.57 -7.00 -8.90
C SER A 177 -7.60 -7.09 -7.78
N ILE A 178 -8.88 -6.99 -8.11
CA ILE A 178 -9.96 -6.96 -7.13
C ILE A 178 -10.67 -8.30 -7.13
N ASP A 179 -10.89 -8.86 -5.94
CA ASP A 179 -11.69 -10.07 -5.79
C ASP A 179 -13.03 -9.68 -5.18
N PRO A 180 -14.13 -9.75 -5.94
CA PRO A 180 -15.44 -9.40 -5.37
C PRO A 180 -15.95 -10.39 -4.33
N ASN A 181 -15.31 -11.56 -4.20
CA ASN A 181 -15.67 -12.57 -3.21
C ASN A 181 -14.42 -13.05 -2.48
N CYS A 182 -13.62 -12.09 -2.00
CA CYS A 182 -12.35 -12.40 -1.33
C CYS A 182 -12.63 -13.04 0.02
N ASN A 183 -12.25 -14.31 0.17
CA ASN A 183 -12.35 -15.00 1.45
C ASN A 183 -11.20 -14.54 2.34
N VAL A 184 -11.52 -13.79 3.40
CA VAL A 184 -10.48 -13.17 4.20
C VAL A 184 -9.62 -14.22 4.90
N SER A 185 -10.25 -15.27 5.43
CA SER A 185 -9.50 -16.29 6.15
C SER A 185 -8.48 -16.98 5.24
N GLU A 186 -8.83 -17.17 3.96
CA GLU A 186 -7.90 -17.82 3.03
C GLU A 186 -6.67 -16.95 2.81
N VAL A 187 -6.85 -15.63 2.74
CA VAL A 187 -5.69 -14.74 2.60
C VAL A 187 -4.84 -14.77 3.85
N VAL A 188 -5.47 -14.83 5.02
CA VAL A 188 -4.73 -14.94 6.28
C VAL A 188 -3.87 -16.20 6.27
N LYS A 189 -4.43 -17.32 5.81
CA LYS A 189 -3.67 -18.56 5.78
C LYS A 189 -2.49 -18.48 4.81
N ASP A 190 -2.71 -17.87 3.64
CA ASP A 190 -1.62 -17.76 2.67
C ASP A 190 -0.47 -16.95 3.23
N ALA A 191 -0.75 -15.80 3.83
CA ALA A 191 0.30 -14.98 4.42
C ALA A 191 0.98 -15.70 5.59
N TYR A 192 0.20 -16.45 6.38
CA TYR A 192 0.77 -17.23 7.46
C TYR A 192 1.71 -18.31 6.93
N ASP A 193 1.26 -19.05 5.90
CA ASP A 193 2.07 -20.13 5.36
C ASP A 193 3.39 -19.62 4.82
N MET A 194 3.37 -18.45 4.15
CA MET A 194 4.61 -17.89 3.62
C MET A 194 5.55 -17.46 4.75
N ALA A 195 4.99 -16.84 5.80
CA ALA A 195 5.82 -16.44 6.93
C ALA A 195 6.33 -17.65 7.71
N LYS A 196 5.55 -18.73 7.76
CA LYS A 196 6.00 -19.93 8.44
C LYS A 196 7.18 -20.58 7.71
N LEU A 197 7.14 -20.58 6.38
CA LEU A 197 8.25 -21.14 5.61
C LEU A 197 9.55 -20.38 5.88
N LEU A 198 9.46 -19.05 5.92
CA LEU A 198 10.65 -18.26 6.23
C LEU A 198 11.07 -18.44 7.68
N CYS A 199 10.11 -18.58 8.59
CA CYS A 199 10.44 -18.71 10.00
C CYS A 199 11.07 -20.06 10.31
N ASP A 200 10.64 -21.12 9.63
CA ASP A 200 11.25 -22.44 9.84
C ASP A 200 12.66 -22.50 9.25
N LYS A 201 12.91 -21.78 8.16
CA LYS A 201 14.22 -21.83 7.53
C LYS A 201 15.28 -21.08 8.34
N TYR A 202 14.86 -20.09 9.12
CA TYR A 202 15.81 -19.26 9.87
C TYR A 202 15.86 -19.58 11.36
N TYR A 203 14.75 -20.05 11.94
CA TYR A 203 14.70 -20.35 13.37
C TYR A 203 14.51 -21.83 13.68
N MET A 204 14.22 -22.67 12.68
CA MET A 204 13.92 -24.08 12.88
C MET A 204 12.77 -24.28 13.87
N ALA A 205 11.85 -23.32 13.91
CA ALA A 205 10.69 -23.36 14.78
C ALA A 205 9.74 -22.24 14.38
N SER A 206 8.43 -22.51 14.49
CA SER A 206 7.43 -21.53 14.13
C SER A 206 6.16 -21.80 14.93
N PRO A 207 5.48 -20.75 15.40
CA PRO A 207 4.21 -20.96 16.11
C PRO A 207 3.10 -21.38 15.16
N ASP A 208 2.05 -21.95 15.75
CA ASP A 208 0.89 -22.39 14.98
C ASP A 208 -0.07 -21.22 14.75
N LEU A 209 -1.06 -21.46 13.90
CA LEU A 209 -2.07 -20.46 13.56
C LEU A 209 -3.43 -20.89 14.08
N GLU A 210 -4.15 -19.95 14.68
CA GLU A 210 -5.54 -20.14 15.08
C GLU A 210 -6.38 -19.02 14.51
N ILE A 211 -7.40 -19.36 13.75
CA ILE A 211 -8.28 -18.39 13.12
C ILE A 211 -9.69 -18.57 13.68
N GLN A 212 -10.31 -17.46 14.06
CA GLN A 212 -11.70 -17.46 14.49
C GLN A 212 -12.44 -16.36 13.74
N GLU A 213 -13.58 -16.71 13.15
CA GLU A 213 -14.39 -15.75 12.42
C GLU A 213 -15.62 -15.39 13.25
N ILE A 214 -16.02 -14.12 13.17
CA ILE A 214 -17.21 -13.63 13.86
C ILE A 214 -18.01 -12.84 12.82
N ASN A 215 -18.96 -13.51 12.17
CA ASN A 215 -19.87 -12.86 11.23
C ASN A 215 -21.13 -12.49 12.01
N ALA A 216 -21.19 -11.22 12.43
CA ALA A 216 -22.26 -10.80 13.34
C ALA A 216 -23.64 -10.99 12.72
N ALA A 217 -23.78 -10.67 11.43
CA ALA A 217 -25.08 -10.74 10.79
C ALA A 217 -25.47 -12.15 10.39
N ASN A 218 -24.49 -13.02 10.09
CA ASN A 218 -24.75 -14.37 9.60
C ASN A 218 -23.70 -15.31 10.22
N SER A 219 -24.01 -15.83 11.41
CA SER A 219 -23.05 -16.63 12.16
C SER A 219 -22.50 -17.81 11.36
N LYS A 220 -23.30 -18.35 10.45
CA LYS A 220 -22.87 -19.54 9.72
C LYS A 220 -22.02 -19.20 8.50
N GLN A 221 -22.26 -18.06 7.87
CA GLN A 221 -21.66 -17.79 6.56
C GLN A 221 -20.18 -17.43 6.71
N PRO A 222 -19.31 -18.00 5.87
CA PRO A 222 -17.92 -17.54 5.85
C PRO A 222 -17.85 -16.07 5.46
N ILE A 223 -16.79 -15.41 5.92
CA ILE A 223 -16.64 -13.97 5.76
C ILE A 223 -15.99 -13.68 4.42
N HIS A 224 -16.73 -13.01 3.53
CA HIS A 224 -16.22 -12.55 2.25
C HIS A 224 -16.31 -11.04 2.18
N MET A 225 -15.50 -10.46 1.29
CA MET A 225 -15.52 -9.02 1.08
C MET A 225 -14.98 -8.73 -0.32
N VAL A 226 -15.23 -7.51 -0.78
CA VAL A 226 -14.63 -7.00 -2.00
C VAL A 226 -13.37 -6.23 -1.61
N TYR A 227 -12.22 -6.70 -2.08
CA TYR A 227 -10.96 -6.07 -1.74
C TYR A 227 -9.90 -6.50 -2.75
N VAL A 228 -8.72 -5.91 -2.60
CA VAL A 228 -7.55 -6.29 -3.39
C VAL A 228 -6.75 -7.31 -2.58
N PRO A 229 -6.77 -8.60 -2.95
CA PRO A 229 -6.12 -9.60 -2.10
C PRO A 229 -4.63 -9.38 -1.91
N SER A 230 -3.93 -8.85 -2.92
CA SER A 230 -2.49 -8.62 -2.79
C SER A 230 -2.20 -7.57 -1.72
N HIS A 231 -3.04 -6.54 -1.62
CA HIS A 231 -2.86 -5.54 -0.57
C HIS A 231 -3.05 -6.16 0.80
N LEU A 232 -4.13 -6.94 0.97
CA LEU A 232 -4.40 -7.57 2.26
C LEU A 232 -3.31 -8.59 2.60
N TYR A 233 -2.83 -9.32 1.60
CA TYR A 233 -1.72 -10.25 1.82
C TYR A 233 -0.49 -9.52 2.33
N HIS A 234 -0.15 -8.40 1.69
CA HIS A 234 1.04 -7.63 2.08
C HIS A 234 0.98 -7.24 3.55
N MET A 235 -0.18 -6.75 4.01
CA MET A 235 -0.31 -6.30 5.38
C MET A 235 -0.21 -7.48 6.35
N LEU A 236 -0.94 -8.57 6.07
CA LEU A 236 -0.89 -9.73 6.94
C LEU A 236 0.48 -10.39 6.94
N PHE A 237 1.17 -10.39 5.79
CA PHE A 237 2.49 -11.00 5.72
C PHE A 237 3.50 -10.24 6.58
N GLU A 238 3.47 -8.91 6.53
CA GLU A 238 4.37 -8.14 7.38
C GLU A 238 4.04 -8.33 8.86
N LEU A 239 2.75 -8.40 9.19
CA LEU A 239 2.36 -8.60 10.58
C LEU A 239 2.72 -9.99 11.08
N PHE A 240 2.60 -11.01 10.21
CA PHE A 240 2.95 -12.36 10.62
C PHE A 240 4.45 -12.49 10.85
N LYS A 241 5.27 -11.86 10.00
CA LYS A 241 6.72 -11.94 10.18
C LYS A 241 7.14 -11.31 11.51
N ASN A 242 6.57 -10.16 11.86
CA ASN A 242 6.89 -9.53 13.14
C ASN A 242 6.41 -10.38 14.31
N ALA A 243 5.19 -10.90 14.22
CA ALA A 243 4.64 -11.69 15.33
C ALA A 243 5.38 -13.01 15.51
N MET A 244 5.91 -13.58 14.43
CA MET A 244 6.69 -14.81 14.56
C MET A 244 8.09 -14.54 15.08
N ARG A 245 8.74 -13.48 14.58
CA ARG A 245 10.06 -13.13 15.06
C ARG A 245 10.05 -12.87 16.57
N ALA A 246 9.05 -12.13 17.05
CA ALA A 246 8.96 -11.84 18.47
C ALA A 246 8.62 -13.08 19.28
N THR A 247 7.72 -13.93 18.78
CA THR A 247 7.31 -15.11 19.52
C THR A 247 8.47 -16.09 19.68
N VAL A 248 9.22 -16.34 18.61
CA VAL A 248 10.31 -17.31 18.68
C VAL A 248 11.45 -16.78 19.52
N GLU A 249 11.79 -15.50 19.37
CA GLU A 249 12.95 -14.95 20.07
C GLU A 249 12.67 -14.81 21.56
N SER A 250 11.44 -14.48 21.94
CA SER A 250 11.10 -14.34 23.34
C SER A 250 10.88 -15.68 24.04
N HIS A 251 11.01 -16.79 23.33
CA HIS A 251 10.83 -18.12 23.91
C HIS A 251 12.00 -19.04 23.57
N GLU A 252 13.17 -18.48 23.28
CA GLU A 252 14.33 -19.30 22.96
C GLU A 252 14.74 -20.17 24.15
N SER A 253 14.67 -19.61 25.36
CA SER A 253 15.00 -20.36 26.57
C SER A 253 13.83 -21.18 27.09
N SER A 254 12.70 -21.20 26.38
CA SER A 254 11.53 -21.95 26.77
C SER A 254 11.24 -23.02 25.71
N LEU A 255 10.32 -23.91 26.03
CA LEU A 255 9.93 -24.99 25.13
C LEU A 255 8.56 -24.77 24.49
N ILE A 256 7.57 -24.32 25.26
CA ILE A 256 6.26 -24.04 24.69
C ILE A 256 6.35 -22.83 23.78
N LEU A 257 5.69 -22.91 22.63
CA LEU A 257 5.68 -21.83 21.64
C LEU A 257 4.24 -21.37 21.44
N PRO A 258 3.85 -20.23 21.99
CA PRO A 258 2.45 -19.79 21.92
C PRO A 258 2.02 -19.57 20.48
N PRO A 259 0.81 -20.00 20.12
CA PRO A 259 0.34 -19.80 18.75
C PRO A 259 -0.02 -18.35 18.48
N ILE A 260 -0.09 -18.03 17.20
CA ILE A 260 -0.58 -16.74 16.74
C ILE A 260 -2.07 -16.86 16.49
N LYS A 261 -2.85 -16.03 17.18
CA LYS A 261 -4.31 -16.09 17.10
C LYS A 261 -4.80 -14.93 16.24
N VAL A 262 -5.55 -15.25 15.19
CA VAL A 262 -6.11 -14.26 14.29
C VAL A 262 -7.62 -14.32 14.39
N MET A 263 -8.26 -13.16 14.50
CA MET A 263 -9.71 -13.07 14.55
C MET A 263 -10.19 -12.20 13.40
N VAL A 264 -11.21 -12.68 12.69
CA VAL A 264 -11.82 -11.93 11.58
C VAL A 264 -13.25 -11.63 11.99
N ALA A 265 -13.55 -10.34 12.17
CA ALA A 265 -14.88 -9.89 12.58
C ALA A 265 -15.49 -9.09 11.43
N LEU A 266 -16.72 -9.46 11.06
CA LEU A 266 -17.47 -8.74 10.05
C LEU A 266 -18.64 -8.03 10.73
N GLY A 267 -18.54 -6.71 10.81
CA GLY A 267 -19.62 -5.89 11.33
C GLY A 267 -20.46 -5.29 10.23
N GLU A 268 -21.36 -4.40 10.63
CA GLU A 268 -22.23 -3.73 9.66
C GLU A 268 -21.47 -2.69 8.85
N GLU A 269 -20.32 -2.26 9.31
CA GLU A 269 -19.53 -1.23 8.66
C GLU A 269 -18.05 -1.58 8.57
N ASP A 270 -17.51 -2.29 9.55
CA ASP A 270 -16.10 -2.63 9.59
C ASP A 270 -15.89 -4.12 9.34
N LEU A 271 -14.76 -4.43 8.70
CA LEU A 271 -14.22 -5.78 8.67
C LEU A 271 -12.85 -5.70 9.35
N SER A 272 -12.76 -6.29 10.54
CA SER A 272 -11.58 -6.14 11.38
C SER A 272 -10.83 -7.46 11.48
N ILE A 273 -9.50 -7.38 11.41
CA ILE A 273 -8.62 -8.54 11.49
C ILE A 273 -7.61 -8.25 12.59
N LYS A 274 -7.71 -8.99 13.69
CA LYS A 274 -6.80 -8.85 14.82
C LYS A 274 -5.83 -10.02 14.83
N MET A 275 -4.53 -9.72 14.95
CA MET A 275 -3.49 -10.72 15.07
C MET A 275 -2.85 -10.58 16.45
N SER A 276 -3.02 -11.61 17.28
CA SER A 276 -2.54 -11.60 18.65
C SER A 276 -1.35 -12.55 18.79
N ASP A 277 -0.25 -12.04 19.32
CA ASP A 277 0.93 -12.85 19.60
C ASP A 277 1.31 -12.70 21.08
N ARG A 278 2.13 -13.64 21.54
CA ARG A 278 2.67 -13.56 22.89
C ARG A 278 4.19 -13.47 22.83
N GLY A 279 4.70 -12.58 21.99
CA GLY A 279 6.12 -12.46 21.77
C GLY A 279 6.85 -11.49 22.69
N GLY A 280 6.34 -11.33 23.91
CA GLY A 280 6.97 -10.49 24.91
C GLY A 280 6.52 -9.05 24.92
N GLY A 281 5.89 -8.58 23.85
CA GLY A 281 5.38 -7.22 23.82
C GLY A 281 6.45 -6.16 23.68
N VAL A 282 6.02 -4.91 23.47
CA VAL A 282 6.90 -3.78 23.24
C VAL A 282 6.41 -2.63 24.11
N PRO A 283 7.31 -1.89 24.77
CA PRO A 283 6.84 -0.73 25.55
C PRO A 283 6.17 0.30 24.65
N LEU A 284 5.20 1.02 25.24
CA LEU A 284 4.44 1.99 24.48
C LEU A 284 5.32 3.04 23.82
N ARG A 285 6.42 3.42 24.50
CA ARG A 285 7.32 4.44 23.97
C ARG A 285 7.87 4.04 22.60
N LYS A 286 8.14 2.76 22.39
CA LYS A 286 8.73 2.31 21.14
C LYS A 286 7.70 1.90 20.10
N ILE A 287 6.46 1.61 20.52
CA ILE A 287 5.41 1.28 19.56
C ILE A 287 5.15 2.45 18.62
N GLU A 288 5.07 3.66 19.16
CA GLU A 288 4.79 4.85 18.37
C GLU A 288 5.91 5.17 17.39
N ARG A 289 7.08 4.56 17.55
CA ARG A 289 8.20 4.76 16.63
C ARG A 289 8.28 3.67 15.55
N LEU A 290 7.51 2.59 15.69
CA LEU A 290 7.55 1.52 14.71
C LEU A 290 6.94 1.93 13.38
N PHE A 291 6.10 2.96 13.35
CA PHE A 291 5.49 3.44 12.12
C PHE A 291 6.23 4.61 11.51
N SER A 292 7.40 4.96 12.06
CA SER A 292 8.18 6.10 11.58
C SER A 292 9.27 5.61 10.63
N TYR A 293 9.31 6.20 9.43
CA TYR A 293 10.37 5.87 8.48
C TYR A 293 11.74 6.22 9.04
N MET A 294 11.86 7.39 9.66
CA MET A 294 13.16 7.85 10.13
C MET A 294 13.71 6.97 11.23
N TYR A 295 12.86 6.59 12.19
CA TYR A 295 13.29 5.78 13.31
C TYR A 295 13.41 4.30 12.97
N SER A 296 12.88 3.86 11.82
CA SER A 296 12.97 2.48 11.39
C SER A 296 14.00 2.27 10.29
N THR A 297 14.99 3.17 10.18
CA THR A 297 16.01 3.09 9.16
C THR A 297 17.38 2.94 9.81
N ALA A 298 18.12 1.92 9.39
CA ALA A 298 19.43 1.61 9.93
C ALA A 298 20.37 1.26 8.78
N PRO A 299 21.68 1.52 8.94
CA PRO A 299 22.68 1.19 7.92
C PRO A 299 22.69 -0.30 7.56
N GLY A 314 12.77 -2.62 6.59
CA GLY A 314 12.27 -2.11 7.86
C GLY A 314 11.09 -1.18 7.72
N TYR A 315 10.51 -1.13 6.52
CA TYR A 315 9.35 -0.29 6.24
C TYR A 315 8.06 -1.11 6.12
N GLY A 316 8.05 -2.32 6.66
CA GLY A 316 6.88 -3.17 6.53
C GLY A 316 5.66 -2.57 7.20
N LEU A 317 5.83 -2.06 8.42
CA LEU A 317 4.69 -1.49 9.14
C LEU A 317 4.21 -0.18 8.54
N PRO A 318 5.06 0.81 8.25
CA PRO A 318 4.53 2.07 7.70
C PRO A 318 3.81 1.89 6.37
N ILE A 319 4.36 1.07 5.47
CA ILE A 319 3.71 0.88 4.17
C ILE A 319 2.44 0.06 4.32
N SER A 320 2.45 -0.95 5.20
CA SER A 320 1.24 -1.74 5.42
C SER A 320 0.09 -0.88 5.89
N ARG A 321 0.37 0.11 6.75
CA ARG A 321 -0.70 1.01 7.20
C ARG A 321 -1.24 1.84 6.03
N LEU A 322 -0.35 2.28 5.13
CA LEU A 322 -0.81 3.05 3.97
C LEU A 322 -1.73 2.21 3.08
N TYR A 323 -1.42 0.93 2.90
CA TYR A 323 -2.33 0.06 2.15
C TYR A 323 -3.70 0.00 2.83
N ALA A 324 -3.72 -0.16 4.15
CA ALA A 324 -4.99 -0.15 4.87
C ALA A 324 -5.72 1.16 4.71
N LYS A 325 -5.01 2.29 4.85
CA LYS A 325 -5.64 3.60 4.74
C LYS A 325 -6.08 3.91 3.32
N TYR A 326 -5.53 3.21 2.33
CA TYR A 326 -5.80 3.55 0.94
C TYR A 326 -7.28 3.46 0.60
N PHE A 327 -8.01 2.52 1.20
CA PHE A 327 -9.45 2.38 1.01
C PHE A 327 -10.21 2.68 2.30
N GLN A 328 -9.82 3.75 2.99
CA GLN A 328 -10.52 4.28 4.16
C GLN A 328 -10.44 3.33 5.36
N GLY A 329 -9.37 2.54 5.44
CA GLY A 329 -9.12 1.68 6.57
C GLY A 329 -7.99 2.18 7.43
N ASP A 330 -7.49 1.30 8.30
CA ASP A 330 -6.40 1.66 9.18
C ASP A 330 -5.72 0.38 9.68
N LEU A 331 -4.53 0.54 10.26
CA LEU A 331 -3.76 -0.54 10.86
C LEU A 331 -3.17 -0.01 12.14
N GLN A 332 -3.52 -0.64 13.27
CA GLN A 332 -3.14 -0.13 14.57
C GLN A 332 -2.46 -1.22 15.40
N LEU A 333 -1.56 -0.79 16.28
CA LEU A 333 -0.82 -1.67 17.15
C LEU A 333 -1.06 -1.31 18.61
N PHE A 334 -1.29 -2.33 19.43
N PHE A 334 -1.33 -2.30 19.45
CA PHE A 334 -1.45 -2.19 20.87
CA PHE A 334 -1.35 -2.06 20.89
C PHE A 334 -0.72 -3.35 21.53
C PHE A 334 -0.77 -3.28 21.59
N SER A 335 0.32 -3.05 22.29
CA SER A 335 1.15 -4.08 22.90
C SER A 335 1.02 -4.04 24.42
N MET A 336 1.42 -5.15 25.04
CA MET A 336 1.50 -5.27 26.49
C MET A 336 2.92 -5.71 26.80
N GLU A 337 3.77 -4.76 27.21
CA GLU A 337 5.17 -5.09 27.47
C GLU A 337 5.26 -6.17 28.55
N GLY A 338 6.00 -7.25 28.23
CA GLY A 338 6.09 -8.40 29.09
C GLY A 338 5.18 -9.54 28.71
N PHE A 339 4.40 -9.42 27.64
CA PHE A 339 3.47 -10.46 27.25
C PHE A 339 3.39 -10.60 25.74
N GLY A 340 2.73 -9.67 25.07
CA GLY A 340 2.56 -9.79 23.64
C GLY A 340 2.03 -8.52 23.02
N THR A 341 1.58 -8.64 21.78
CA THR A 341 1.13 -7.52 20.98
C THR A 341 -0.07 -7.91 20.15
N ASP A 342 -1.04 -7.01 20.05
CA ASP A 342 -2.16 -7.14 19.13
C ASP A 342 -1.98 -6.19 17.96
N ALA A 343 -2.25 -6.69 16.75
CA ALA A 343 -2.25 -5.88 15.54
C ALA A 343 -3.61 -6.01 14.90
N VAL A 344 -4.22 -4.88 14.54
CA VAL A 344 -5.57 -4.86 14.01
C VAL A 344 -5.57 -4.16 12.66
N ILE A 345 -6.08 -4.84 11.65
CA ILE A 345 -6.33 -4.24 10.34
C ILE A 345 -7.81 -3.89 10.27
N TYR A 346 -8.11 -2.61 10.07
CA TYR A 346 -9.48 -2.14 9.91
C TYR A 346 -9.74 -1.91 8.43
N LEU A 347 -10.79 -2.55 7.91
CA LEU A 347 -11.20 -2.38 6.52
C LEU A 347 -12.67 -2.01 6.49
N LYS A 348 -13.07 -1.34 5.42
CA LYS A 348 -14.49 -1.04 5.21
C LYS A 348 -15.20 -2.29 4.73
N ALA A 349 -16.36 -2.59 5.35
CA ALA A 349 -17.08 -3.81 5.00
C ALA A 349 -17.80 -3.68 3.66
N LEU A 350 -18.16 -2.47 3.27
CA LEU A 350 -18.95 -2.23 2.07
C LEU A 350 -18.10 -1.60 0.97
N SER A 351 -18.32 -2.05 -0.27
CA SER A 351 -17.57 -1.51 -1.39
C SER A 351 -17.87 -0.04 -1.63
N THR A 352 -19.07 0.42 -1.26
CA THR A 352 -19.41 1.82 -1.44
C THR A 352 -18.63 2.73 -0.48
N ASP A 353 -18.15 2.21 0.64
CA ASP A 353 -17.35 2.99 1.57
C ASP A 353 -15.86 2.89 1.30
N SER A 354 -15.43 2.01 0.39
CA SER A 354 -14.02 1.79 0.10
C SER A 354 -13.61 2.76 -1.01
N VAL A 355 -13.41 4.02 -0.62
CA VAL A 355 -13.04 5.08 -1.55
C VAL A 355 -11.54 5.34 -1.41
N GLU A 356 -10.90 5.66 -2.53
CA GLU A 356 -9.48 5.98 -2.52
C GLU A 356 -9.21 7.18 -1.61
N ARG A 357 -8.22 7.03 -0.74
CA ARG A 357 -7.68 8.15 0.02
C ARG A 357 -6.47 8.68 -0.73
N LEU A 358 -6.61 9.87 -1.31
CA LEU A 358 -5.60 10.44 -2.18
C LEU A 358 -5.07 11.74 -1.59
N PRO A 359 -3.76 11.95 -1.57
CA PRO A 359 -3.23 13.26 -1.21
C PRO A 359 -3.42 14.25 -2.34
N VAL A 360 -3.86 15.46 -1.98
CA VAL A 360 -4.10 16.52 -2.95
C VAL A 360 -3.17 17.68 -2.61
N TYR A 361 -2.57 18.27 -3.65
CA TYR A 361 -1.68 19.42 -3.48
C TYR A 361 -2.53 20.66 -3.24
N ASN A 362 -2.45 21.21 -2.03
CA ASN A 362 -3.18 22.42 -1.65
C ASN A 362 -2.18 23.50 -1.24
N LYS A 363 -2.72 24.60 -0.74
CA LYS A 363 -1.89 25.73 -0.31
C LYS A 363 -1.88 25.86 1.22
#